data_1K4B
#
_entry.id   1K4B
#
_entity_poly.entity_id   1
_entity_poly.type   'polyribonucleotide'
_entity_poly.pdbx_seq_one_letter_code
;GGUUCAGUUGAACC
;
_entity_poly.pdbx_strand_id   A
#